data_1TV2
#
_entry.id   1TV2
#
_cell.length_a   158.170
_cell.length_b   158.170
_cell.length_c   136.210
_cell.angle_alpha   90.00
_cell.angle_beta   90.00
_cell.angle_gamma   120.00
#
_symmetry.space_group_name_H-M   'P 63 2 2'
#
loop_
_entity.id
_entity.type
_entity.pdbx_description
1 polymer 'Monomethylamine methyltransferase mtmB1'
2 non-polymer '5-HYDROXYAMINO-3-METHYL-PYRROLIDINE-2-CARBOXYLIC ACID'
3 water water
#
_entity_poly.entity_id   1
_entity_poly.type   'polypeptide(L)'
_entity_poly.pdbx_seq_one_letter_code
;MTFRKSFDCYDFYDRAKVGEKCTQDDWDLMKIPMKAMELKQKYGLDFKGEFIPTDKDMMEKLFKAGFEMLLECGIYCTDT
HRIVKYTEDEIWDAINNVQKEFVLGTGRDAVNVRKRSVGDKAKPIVQGGPTGSPISEDVFMPVHMSYALEKEVDTIVNGV
MTSVRGKSPIPKSPYEVLAAKTETRLIKNACAMAGRPGMGVKGPETSLSAQGNISADCTGGMTCTDSHEVSQLNELKIDL
DAISVIAHYKGNSDIIMDEQMPIFGGYAGGIEETTIVDVATHINAVLMSSASWHLDGPVHIRWGSTNTRETLMIAGWACA
TISEFTDILSGNQYYPCAGPCTEMCLLEASAQSITDTASGREILSGVASAKGVVTDKTTGMEARMMGEVARATAGVEISE
VNVILDKLVSLYEKNYASAPAGKTFQECYDVKTVTPTEEYMQVYDGARKKLEDLGLVF
;
_entity_poly.pdbx_strand_id   A
#
loop_
_chem_comp.id
_chem_comp.type
_chem_comp.name
_chem_comp.formula
BG5 non-polymer '5-HYDROXYAMINO-3-METHYL-PYRROLIDINE-2-CARBOXYLIC ACID' 'C6 H12 N2 O3'
#
# COMPACT_ATOMS: atom_id res chain seq x y z
N THR A 2 14.51 25.83 17.43
CA THR A 2 14.72 24.99 16.22
C THR A 2 15.22 23.61 16.64
N PHE A 3 15.27 22.68 15.70
CA PHE A 3 15.72 21.32 15.98
C PHE A 3 17.24 21.18 15.95
N ARG A 4 17.73 20.12 16.59
CA ARG A 4 19.17 19.89 16.63
C ARG A 4 19.69 19.44 15.27
N LYS A 5 19.03 18.43 14.70
CA LYS A 5 19.41 17.90 13.40
C LYS A 5 18.17 17.29 12.76
N SER A 6 18.15 17.17 11.44
CA SER A 6 17.00 16.55 10.79
C SER A 6 16.92 15.14 11.34
N PHE A 7 15.73 14.74 11.78
CA PHE A 7 15.51 13.42 12.37
C PHE A 7 15.65 12.27 11.38
N ASP A 8 16.32 11.20 11.81
CA ASP A 8 16.50 10.00 11.01
C ASP A 8 16.49 8.76 11.89
N CYS A 9 16.57 7.60 11.24
CA CYS A 9 16.56 6.31 11.93
C CYS A 9 17.59 6.22 13.06
N TYR A 10 18.70 6.94 12.92
CA TYR A 10 19.74 6.92 13.94
C TYR A 10 19.27 7.64 15.21
N ASP A 11 18.57 8.76 15.04
CA ASP A 11 18.06 9.50 16.19
C ASP A 11 16.97 8.66 16.85
N PHE A 12 16.21 7.93 16.03
CA PHE A 12 15.15 7.11 16.57
C PHE A 12 15.73 6.05 17.51
N TYR A 13 16.79 5.37 17.07
CA TYR A 13 17.43 4.35 17.89
C TYR A 13 17.88 4.97 19.21
N ASP A 14 18.58 6.10 19.12
CA ASP A 14 19.07 6.79 20.31
C ASP A 14 17.95 7.00 21.32
N ARG A 15 16.87 7.62 20.86
CA ARG A 15 15.72 7.91 21.73
C ARG A 15 14.97 6.69 22.22
N ALA A 16 14.86 5.66 21.39
CA ALA A 16 14.16 4.44 21.74
C ALA A 16 14.80 3.71 22.92
N LYS A 17 16.08 3.99 23.16
CA LYS A 17 16.81 3.35 24.25
C LYS A 17 16.58 4.03 25.59
N VAL A 18 16.29 5.33 25.57
CA VAL A 18 16.09 6.09 26.80
C VAL A 18 14.73 6.77 26.92
N GLY A 19 13.81 6.44 26.03
CA GLY A 19 12.49 7.06 26.09
C GLY A 19 11.66 6.61 27.28
N GLU A 20 10.48 7.20 27.41
CA GLU A 20 9.56 6.87 28.50
C GLU A 20 9.18 5.39 28.46
N LYS A 21 9.36 4.69 29.57
CA LYS A 21 9.00 3.28 29.64
C LYS A 21 7.49 3.19 29.58
N CYS A 22 7.00 2.13 28.95
CA CYS A 22 5.57 1.96 28.80
C CYS A 22 5.26 0.55 28.28
N THR A 23 4.21 -0.06 28.82
CA THR A 23 3.82 -1.39 28.35
C THR A 23 3.11 -1.24 27.01
N GLN A 24 3.13 -2.31 26.21
CA GLN A 24 2.48 -2.26 24.90
C GLN A 24 0.98 -2.14 25.05
N ASP A 25 0.46 -2.61 26.18
CA ASP A 25 -0.98 -2.52 26.43
C ASP A 25 -1.33 -1.07 26.75
N ASP A 26 -0.47 -0.40 27.51
CA ASP A 26 -0.72 1.00 27.86
C ASP A 26 -0.78 1.81 26.58
N TRP A 27 -0.01 1.38 25.59
CA TRP A 27 0.04 2.07 24.30
C TRP A 27 -1.19 1.77 23.44
N ASP A 28 -1.41 0.48 23.18
CA ASP A 28 -2.53 0.04 22.35
C ASP A 28 -3.93 0.24 22.93
N LEU A 29 -4.07 0.01 24.23
CA LEU A 29 -5.38 0.11 24.87
C LEU A 29 -5.66 1.41 25.59
N MET A 30 -4.68 2.32 25.63
CA MET A 30 -4.90 3.57 26.33
C MET A 30 -4.41 4.83 25.61
N LYS A 31 -3.09 4.98 25.52
CA LYS A 31 -2.53 6.16 24.88
C LYS A 31 -3.06 6.45 23.47
N ILE A 32 -2.97 5.49 22.57
CA ILE A 32 -3.45 5.71 21.21
C ILE A 32 -4.95 5.97 21.09
N PRO A 33 -5.79 5.06 21.60
CA PRO A 33 -7.25 5.27 21.51
C PRO A 33 -7.73 6.56 22.20
N MET A 34 -7.12 6.90 23.32
CA MET A 34 -7.49 8.12 24.04
C MET A 34 -7.21 9.37 23.19
N LYS A 35 -6.00 9.46 22.63
CA LYS A 35 -5.62 10.60 21.82
C LYS A 35 -6.46 10.73 20.55
N ALA A 36 -6.73 9.60 19.90
CA ALA A 36 -7.54 9.60 18.68
C ALA A 36 -8.95 10.12 19.00
N MET A 37 -9.49 9.64 20.12
CA MET A 37 -10.81 10.02 20.58
C MET A 37 -10.82 11.51 20.92
N GLU A 38 -9.81 11.94 21.66
CA GLU A 38 -9.69 13.33 22.06
C GLU A 38 -9.62 14.26 20.85
N LEU A 39 -8.72 13.96 19.92
CA LEU A 39 -8.54 14.77 18.72
C LEU A 39 -9.77 14.81 17.82
N LYS A 40 -10.47 13.69 17.68
CA LYS A 40 -11.66 13.66 16.84
C LYS A 40 -12.69 14.67 17.36
N GLN A 41 -12.91 14.66 18.67
CA GLN A 41 -13.88 15.56 19.28
C GLN A 41 -13.36 16.99 19.30
N LYS A 42 -12.11 17.17 19.72
CA LYS A 42 -11.51 18.49 19.78
C LYS A 42 -11.64 19.23 18.45
N TYR A 43 -11.34 18.53 17.34
CA TYR A 43 -11.43 19.14 16.02
C TYR A 43 -12.78 18.92 15.35
N GLY A 44 -13.70 18.29 16.07
CA GLY A 44 -15.03 18.03 15.53
C GLY A 44 -15.02 17.39 14.16
N LEU A 45 -14.24 16.33 14.01
CA LEU A 45 -14.16 15.63 12.73
C LEU A 45 -15.40 14.83 12.44
N ASP A 46 -15.94 15.01 11.24
CA ASP A 46 -17.15 14.31 10.80
C ASP A 46 -17.09 14.23 9.28
N PHE A 47 -16.86 13.04 8.74
CA PHE A 47 -16.76 12.86 7.31
C PHE A 47 -18.10 12.85 6.57
N LYS A 48 -19.18 12.79 7.34
CA LYS A 48 -20.52 12.81 6.78
C LYS A 48 -20.76 11.88 5.59
N GLY A 49 -20.29 10.63 5.70
CA GLY A 49 -20.50 9.66 4.65
C GLY A 49 -19.74 9.82 3.34
N GLU A 50 -18.90 10.83 3.22
CA GLU A 50 -18.15 11.03 1.99
C GLU A 50 -16.89 10.16 1.90
N PHE A 51 -16.63 9.64 0.71
CA PHE A 51 -15.44 8.82 0.47
C PHE A 51 -14.25 9.76 0.26
N ILE A 52 -14.48 10.79 -0.54
CA ILE A 52 -13.45 11.79 -0.85
C ILE A 52 -13.99 13.15 -0.43
N PRO A 53 -13.27 13.84 0.46
CA PRO A 53 -13.67 15.16 0.97
C PRO A 53 -13.64 16.32 -0.01
N THR A 54 -14.60 17.24 0.16
CA THR A 54 -14.69 18.45 -0.65
C THR A 54 -14.72 19.64 0.30
N ASP A 55 -14.78 19.36 1.59
CA ASP A 55 -14.80 20.40 2.63
C ASP A 55 -13.35 20.62 3.06
N LYS A 56 -12.73 21.67 2.53
CA LYS A 56 -11.34 21.95 2.86
C LYS A 56 -11.14 22.33 4.34
N ASP A 57 -12.13 22.93 4.96
CA ASP A 57 -12.00 23.29 6.38
C ASP A 57 -11.89 22.03 7.21
N MET A 58 -12.72 21.03 6.90
CA MET A 58 -12.72 19.77 7.63
C MET A 58 -11.39 19.04 7.38
N MET A 59 -10.92 19.12 6.14
CA MET A 59 -9.66 18.49 5.76
C MET A 59 -8.50 19.09 6.54
N GLU A 60 -8.49 20.42 6.66
CA GLU A 60 -7.41 21.07 7.39
C GLU A 60 -7.43 20.65 8.86
N LYS A 61 -8.63 20.49 9.42
CA LYS A 61 -8.72 20.07 10.81
C LYS A 61 -8.18 18.64 10.94
N LEU A 62 -8.45 17.81 9.95
CA LEU A 62 -7.96 16.43 9.97
C LEU A 62 -6.43 16.42 9.92
N PHE A 63 -5.86 17.33 9.12
CA PHE A 63 -4.41 17.41 9.00
C PHE A 63 -3.81 17.79 10.34
N LYS A 64 -4.37 18.81 10.97
CA LYS A 64 -3.88 19.27 12.26
C LYS A 64 -4.01 18.18 13.31
N ALA A 65 -5.10 17.40 13.24
CA ALA A 65 -5.32 16.32 14.19
C ALA A 65 -4.25 15.23 14.05
N GLY A 66 -3.99 14.82 12.80
CA GLY A 66 -2.99 13.80 12.55
C GLY A 66 -1.61 14.26 13.00
N PHE A 67 -1.28 15.51 12.71
CA PHE A 67 0.00 16.09 13.08
C PHE A 67 0.11 16.07 14.61
N GLU A 68 -0.94 16.54 15.29
CA GLU A 68 -0.97 16.60 16.75
C GLU A 68 -0.88 15.21 17.39
N MET A 69 -1.50 14.22 16.75
CA MET A 69 -1.46 12.86 17.25
C MET A 69 -0.01 12.39 17.29
N LEU A 70 0.71 12.60 16.19
CA LEU A 70 2.11 12.19 16.10
C LEU A 70 2.96 12.93 17.12
N LEU A 71 2.75 14.24 17.21
CA LEU A 71 3.52 15.08 18.11
C LEU A 71 3.33 14.77 19.60
N GLU A 72 2.08 14.59 20.02
CA GLU A 72 1.79 14.32 21.43
C GLU A 72 1.99 12.87 21.87
N CYS A 73 1.74 11.92 20.99
CA CYS A 73 1.92 10.51 21.34
C CYS A 73 3.35 10.02 21.12
N GLY A 74 3.87 10.26 19.92
CA GLY A 74 5.20 9.79 19.60
C GLY A 74 5.06 8.40 19.02
N ILE A 75 6.17 7.64 19.00
CA ILE A 75 6.14 6.29 18.46
C ILE A 75 6.65 5.27 19.48
N TYR A 76 5.93 4.16 19.59
CA TYR A 76 6.28 3.11 20.53
C TYR A 76 7.27 2.14 19.89
N CYS A 77 8.38 1.86 20.58
CA CYS A 77 9.36 0.91 20.09
C CYS A 77 9.15 -0.40 20.82
N THR A 78 8.67 -1.41 20.09
CA THR A 78 8.38 -2.72 20.66
C THR A 78 9.55 -3.43 21.33
N ASP A 79 10.75 -3.26 20.77
CA ASP A 79 11.94 -3.92 21.31
C ASP A 79 12.40 -3.35 22.65
N THR A 80 12.36 -2.03 22.80
CA THR A 80 12.80 -1.39 24.02
C THR A 80 11.64 -1.04 24.97
N HIS A 81 10.42 -1.19 24.48
CA HIS A 81 9.24 -0.87 25.29
C HIS A 81 9.28 0.56 25.80
N ARG A 82 9.80 1.46 24.96
CA ARG A 82 9.88 2.87 25.31
C ARG A 82 9.29 3.71 24.17
N ILE A 83 8.93 4.94 24.50
CA ILE A 83 8.32 5.86 23.54
C ILE A 83 9.30 6.89 23.00
N VAL A 84 9.30 7.06 21.68
CA VAL A 84 10.15 8.05 21.04
C VAL A 84 9.28 9.28 20.75
N LYS A 85 9.72 10.43 21.24
CA LYS A 85 9.00 11.68 21.04
C LYS A 85 9.73 12.60 20.07
N TYR A 86 8.94 13.28 19.24
CA TYR A 86 9.46 14.24 18.26
C TYR A 86 9.09 15.64 18.76
N THR A 87 9.78 16.66 18.26
CA THR A 87 9.46 18.04 18.61
C THR A 87 8.68 18.55 17.40
N GLU A 88 7.93 19.63 17.57
CA GLU A 88 7.15 20.19 16.48
C GLU A 88 8.04 20.60 15.31
N ASP A 89 9.18 21.22 15.63
CA ASP A 89 10.12 21.67 14.59
C ASP A 89 10.71 20.51 13.79
N GLU A 90 10.95 19.38 14.46
CA GLU A 90 11.50 18.22 13.77
C GLU A 90 10.48 17.69 12.76
N ILE A 91 9.22 17.67 13.16
CA ILE A 91 8.17 17.17 12.27
C ILE A 91 8.03 18.08 11.05
N TRP A 92 8.03 19.39 11.26
CA TRP A 92 7.92 20.31 10.14
C TRP A 92 9.12 20.20 9.18
N ASP A 93 10.31 20.00 9.74
CA ASP A 93 11.51 19.86 8.92
C ASP A 93 11.35 18.68 7.97
N ALA A 94 10.73 17.61 8.46
CA ALA A 94 10.50 16.41 7.66
C ALA A 94 9.44 16.66 6.59
N ILE A 95 8.33 17.27 7.00
CA ILE A 95 7.23 17.55 6.07
C ILE A 95 7.63 18.55 4.99
N ASN A 96 8.42 19.56 5.36
CA ASN A 96 8.84 20.59 4.43
C ASN A 96 9.94 20.19 3.45
N ASN A 97 10.54 19.02 3.67
CA ASN A 97 11.61 18.56 2.79
C ASN A 97 11.42 17.10 2.39
N VAL A 98 10.37 16.84 1.61
CA VAL A 98 10.09 15.48 1.16
C VAL A 98 10.53 15.32 -0.29
N GLN A 99 10.65 14.07 -0.73
CA GLN A 99 11.06 13.80 -2.10
C GLN A 99 9.94 14.28 -3.03
N LYS A 100 10.30 15.15 -3.98
CA LYS A 100 9.33 15.71 -4.91
C LYS A 100 8.84 14.76 -5.99
N GLU A 101 9.74 13.96 -6.54
CA GLU A 101 9.40 13.01 -7.58
C GLU A 101 10.55 12.04 -7.73
N PHE A 102 10.34 10.96 -8.48
CA PHE A 102 11.39 9.98 -8.70
C PHE A 102 11.05 9.07 -9.86
N VAL A 103 12.07 8.35 -10.32
CA VAL A 103 11.93 7.43 -11.44
C VAL A 103 12.03 5.98 -10.95
N LEU A 104 11.15 5.13 -11.45
CA LEU A 104 11.15 3.72 -11.11
C LEU A 104 11.49 2.97 -12.40
N GLY A 105 12.30 1.91 -12.28
CA GLY A 105 12.66 1.15 -13.46
C GLY A 105 13.82 1.81 -14.21
N THR A 106 14.21 1.21 -15.34
CA THR A 106 15.31 1.71 -16.16
C THR A 106 15.03 1.58 -17.65
N GLY A 107 15.87 2.22 -18.46
CA GLY A 107 15.73 2.17 -19.90
C GLY A 107 14.37 2.64 -20.41
N ARG A 108 13.92 2.01 -21.50
CA ARG A 108 12.63 2.37 -22.09
C ARG A 108 11.47 2.14 -21.15
N ASP A 109 11.63 1.18 -20.23
CA ASP A 109 10.56 0.81 -19.30
C ASP A 109 10.42 1.65 -18.05
N ALA A 110 11.32 2.62 -17.86
CA ALA A 110 11.28 3.49 -16.68
C ALA A 110 10.05 4.41 -16.71
N VAL A 111 9.53 4.75 -15.53
CA VAL A 111 8.39 5.65 -15.43
C VAL A 111 8.62 6.72 -14.38
N ASN A 112 8.10 7.92 -14.63
CA ASN A 112 8.24 9.02 -13.70
C ASN A 112 7.08 9.05 -12.73
N VAL A 113 7.38 9.21 -11.44
CA VAL A 113 6.35 9.29 -10.42
C VAL A 113 6.32 10.71 -9.92
N ARG A 114 5.24 11.43 -10.23
CA ARG A 114 5.09 12.82 -9.82
C ARG A 114 3.80 13.00 -9.05
N LYS A 115 3.72 14.05 -8.23
CA LYS A 115 2.54 14.30 -7.42
C LYS A 115 1.24 14.46 -8.19
N ARG A 116 0.15 13.95 -7.59
CA ARG A 116 -1.18 14.06 -8.17
C ARG A 116 -2.07 14.75 -7.14
N SER A 117 -2.97 15.60 -7.61
CA SER A 117 -3.88 16.29 -6.73
C SER A 117 -5.22 15.58 -6.74
N VAL A 118 -6.11 15.96 -5.83
CA VAL A 118 -7.43 15.37 -5.78
C VAL A 118 -8.11 15.64 -7.12
N GLY A 119 -8.73 14.61 -7.70
CA GLY A 119 -9.41 14.76 -8.98
C GLY A 119 -8.51 15.00 -10.17
N ASP A 120 -7.21 14.83 -9.99
CA ASP A 120 -6.22 15.04 -11.04
C ASP A 120 -6.55 14.35 -12.37
N LYS A 121 -6.31 15.04 -13.47
CA LYS A 121 -6.55 14.50 -14.81
C LYS A 121 -5.51 13.42 -15.12
N ALA A 122 -4.34 13.53 -14.51
CA ALA A 122 -3.28 12.57 -14.73
C ALA A 122 -3.58 11.22 -14.07
N LYS A 123 -3.21 10.15 -14.75
CA LYS A 123 -3.44 8.80 -14.24
C LYS A 123 -2.34 8.39 -13.26
N PRO A 124 -2.70 7.70 -12.18
CA PRO A 124 -1.67 7.29 -11.24
C PRO A 124 -0.84 6.15 -11.83
N ILE A 125 0.30 5.86 -11.20
CA ILE A 125 1.16 4.78 -11.64
C ILE A 125 0.46 3.48 -11.22
N VAL A 126 0.41 2.52 -12.13
CA VAL A 126 -0.22 1.24 -11.85
C VAL A 126 0.86 0.21 -11.52
N GLN A 127 0.95 -0.15 -10.25
CA GLN A 127 1.94 -1.13 -9.80
C GLN A 127 1.21 -2.46 -9.62
N GLY A 128 1.39 -3.37 -10.58
CA GLY A 128 0.69 -4.64 -10.51
C GLY A 128 1.55 -5.85 -10.19
N GLY A 129 0.95 -6.79 -9.46
CA GLY A 129 1.65 -8.01 -9.09
C GLY A 129 0.88 -8.79 -8.06
N PRO A 130 1.42 -9.93 -7.61
CA PRO A 130 0.77 -10.78 -6.60
C PRO A 130 0.55 -10.00 -5.31
N THR A 131 1.22 -8.86 -5.19
CA THR A 131 1.07 -8.02 -4.02
C THR A 131 1.36 -8.79 -2.73
N GLY A 132 2.54 -9.39 -2.67
CA GLY A 132 2.96 -10.13 -1.48
C GLY A 132 2.26 -11.43 -1.20
N SER A 133 1.41 -11.89 -2.10
CA SER A 133 0.69 -13.15 -1.90
C SER A 133 1.59 -14.34 -2.20
N PRO A 134 1.30 -15.50 -1.59
CA PRO A 134 2.10 -16.71 -1.81
C PRO A 134 1.92 -17.29 -3.22
N ILE A 135 3.05 -17.50 -3.90
CA ILE A 135 3.06 -18.04 -5.25
C ILE A 135 3.96 -19.27 -5.31
N SER A 136 3.46 -20.33 -5.92
CA SER A 136 4.23 -21.57 -6.05
C SER A 136 5.51 -21.31 -6.85
N GLU A 137 6.59 -21.96 -6.43
CA GLU A 137 7.87 -21.78 -7.10
C GLU A 137 7.84 -22.09 -8.59
N ASP A 138 7.16 -23.18 -8.97
CA ASP A 138 7.14 -23.56 -10.38
C ASP A 138 6.39 -22.63 -11.33
N VAL A 139 5.66 -21.65 -10.80
CA VAL A 139 4.96 -20.69 -11.66
C VAL A 139 5.28 -19.26 -11.25
N PHE A 140 6.36 -19.09 -10.50
CA PHE A 140 6.74 -17.75 -10.05
C PHE A 140 6.92 -16.77 -11.20
N MET A 141 7.66 -17.17 -12.24
CA MET A 141 7.86 -16.28 -13.38
C MET A 141 6.59 -16.08 -14.21
N PRO A 142 5.89 -17.17 -14.55
CA PRO A 142 4.67 -17.02 -15.35
C PRO A 142 3.64 -16.10 -14.68
N VAL A 143 3.45 -16.26 -13.38
CA VAL A 143 2.50 -15.43 -12.66
C VAL A 143 2.87 -13.95 -12.78
N HIS A 144 4.12 -13.61 -12.50
CA HIS A 144 4.51 -12.21 -12.61
C HIS A 144 4.47 -11.74 -14.06
N MET A 145 4.72 -12.64 -14.99
CA MET A 145 4.69 -12.28 -16.39
C MET A 145 3.28 -11.83 -16.80
N SER A 146 2.26 -12.37 -16.13
CA SER A 146 0.88 -12.00 -16.44
C SER A 146 0.61 -10.52 -16.14
N TYR A 147 1.48 -9.89 -15.35
CA TYR A 147 1.32 -8.48 -15.05
C TYR A 147 2.16 -7.64 -16.03
N ALA A 148 3.37 -8.09 -16.30
CA ALA A 148 4.27 -7.40 -17.21
C ALA A 148 3.71 -7.35 -18.63
N LEU A 149 2.96 -8.38 -19.00
CA LEU A 149 2.36 -8.44 -20.33
C LEU A 149 1.20 -7.46 -20.49
N GLU A 150 0.74 -6.90 -19.38
CA GLU A 150 -0.36 -5.94 -19.42
C GLU A 150 0.18 -4.51 -19.54
N LYS A 151 -0.16 -3.82 -20.63
CA LYS A 151 0.31 -2.45 -20.80
C LYS A 151 -0.24 -1.53 -19.71
N GLU A 152 -1.31 -1.95 -19.05
CA GLU A 152 -1.89 -1.16 -17.96
C GLU A 152 -0.92 -1.07 -16.78
N VAL A 153 -0.09 -2.10 -16.61
CA VAL A 153 0.87 -2.15 -15.51
C VAL A 153 2.17 -1.42 -15.83
N ASP A 154 2.60 -0.55 -14.92
CA ASP A 154 3.82 0.24 -15.08
C ASP A 154 5.02 -0.33 -14.32
N THR A 155 4.77 -0.80 -13.10
CA THR A 155 5.81 -1.40 -12.27
C THR A 155 5.23 -2.66 -11.66
N ILE A 156 6.09 -3.48 -11.04
CA ILE A 156 5.66 -4.74 -10.43
C ILE A 156 5.76 -4.74 -8.91
N VAL A 157 4.74 -5.29 -8.25
CA VAL A 157 4.79 -5.44 -6.79
C VAL A 157 4.96 -6.95 -6.61
N ASN A 158 6.10 -7.35 -6.08
CA ASN A 158 6.46 -8.74 -5.90
C ASN A 158 5.54 -9.65 -5.09
N GLY A 159 5.51 -10.91 -5.49
CA GLY A 159 4.73 -11.91 -4.79
C GLY A 159 5.73 -12.60 -3.87
N VAL A 160 5.26 -13.55 -3.07
CA VAL A 160 6.13 -14.27 -2.15
C VAL A 160 6.39 -15.69 -2.64
N MET A 161 7.65 -16.12 -2.62
CA MET A 161 8.00 -17.48 -3.05
C MET A 161 7.64 -18.46 -1.94
N THR A 162 6.76 -19.41 -2.21
CA THR A 162 6.38 -20.38 -1.17
C THR A 162 7.58 -21.28 -0.90
N SER A 163 8.47 -21.40 -1.88
CA SER A 163 9.70 -22.17 -1.72
C SER A 163 10.75 -21.73 -2.73
N VAL A 164 12.00 -22.00 -2.41
CA VAL A 164 13.11 -21.68 -3.29
C VAL A 164 13.97 -22.94 -3.25
N ARG A 165 14.21 -23.53 -4.42
CA ARG A 165 14.96 -24.78 -4.51
C ARG A 165 14.25 -25.85 -3.68
N GLY A 166 12.92 -25.80 -3.71
CA GLY A 166 12.10 -26.77 -3.00
C GLY A 166 12.04 -26.66 -1.48
N LYS A 167 12.56 -25.57 -0.91
CA LYS A 167 12.56 -25.40 0.54
C LYS A 167 11.90 -24.10 0.96
N SER A 168 11.29 -24.10 2.15
CA SER A 168 10.64 -22.90 2.67
C SER A 168 11.69 -21.88 3.07
N PRO A 169 11.51 -20.62 2.66
CA PRO A 169 12.47 -19.56 3.00
C PRO A 169 12.32 -19.11 4.45
N ILE A 170 12.50 -20.05 5.37
CA ILE A 170 12.37 -19.77 6.80
C ILE A 170 13.20 -18.58 7.26
N PRO A 171 12.58 -17.65 8.00
CA PRO A 171 13.29 -16.47 8.48
C PRO A 171 14.59 -16.83 9.19
N LYS A 172 15.65 -16.09 8.88
CA LYS A 172 16.98 -16.30 9.45
C LYS A 172 17.67 -17.59 9.04
N SER A 173 17.19 -18.20 7.96
CA SER A 173 17.80 -19.41 7.42
C SER A 173 18.47 -18.95 6.13
N PRO A 174 19.46 -19.72 5.62
CA PRO A 174 20.10 -19.27 4.39
C PRO A 174 19.11 -19.20 3.22
N TYR A 175 18.04 -20.00 3.29
CA TYR A 175 17.02 -20.00 2.26
C TYR A 175 16.29 -18.66 2.17
N GLU A 176 16.20 -17.95 3.29
CA GLU A 176 15.53 -16.65 3.27
C GLU A 176 16.38 -15.67 2.47
N VAL A 177 17.70 -15.74 2.64
CA VAL A 177 18.62 -14.86 1.91
C VAL A 177 18.53 -15.20 0.43
N LEU A 178 18.56 -16.49 0.11
CA LEU A 178 18.48 -16.94 -1.27
C LEU A 178 17.21 -16.43 -1.94
N ALA A 179 16.09 -16.53 -1.23
CA ALA A 179 14.80 -16.07 -1.76
C ALA A 179 14.75 -14.56 -1.94
N ALA A 180 15.33 -13.83 -0.99
CA ALA A 180 15.35 -12.37 -1.07
C ALA A 180 16.05 -11.88 -2.35
N LYS A 181 17.15 -12.55 -2.71
CA LYS A 181 17.88 -12.18 -3.92
C LYS A 181 17.20 -12.73 -5.16
N THR A 182 16.81 -14.00 -5.10
CA THR A 182 16.17 -14.69 -6.22
C THR A 182 14.83 -14.10 -6.64
N GLU A 183 14.04 -13.73 -5.65
CA GLU A 183 12.71 -13.16 -5.90
C GLU A 183 12.70 -12.14 -7.03
N THR A 184 13.45 -11.06 -6.87
CA THR A 184 13.49 -10.01 -7.88
C THR A 184 14.25 -10.41 -9.14
N ARG A 185 15.25 -11.28 -8.99
CA ARG A 185 16.00 -11.74 -10.16
C ARG A 185 15.06 -12.46 -11.12
N LEU A 186 14.23 -13.35 -10.59
CA LEU A 186 13.27 -14.09 -11.41
C LEU A 186 12.18 -13.17 -11.97
N ILE A 187 11.69 -12.26 -11.13
CA ILE A 187 10.65 -11.33 -11.56
C ILE A 187 11.12 -10.42 -12.70
N LYS A 188 12.33 -9.90 -12.59
CA LYS A 188 12.85 -9.03 -13.65
C LYS A 188 13.08 -9.87 -14.92
N ASN A 189 13.37 -11.15 -14.72
CA ASN A 189 13.58 -12.09 -15.82
C ASN A 189 12.23 -12.24 -16.54
N ALA A 190 11.17 -12.31 -15.75
CA ALA A 190 9.81 -12.45 -16.29
C ALA A 190 9.46 -11.20 -17.08
N CYS A 191 9.81 -10.03 -16.53
CA CYS A 191 9.52 -8.77 -17.20
C CYS A 191 10.23 -8.72 -18.54
N ALA A 192 11.48 -9.18 -18.56
CA ALA A 192 12.26 -9.20 -19.80
C ALA A 192 11.59 -10.10 -20.84
N MET A 193 11.06 -11.24 -20.41
CA MET A 193 10.39 -12.16 -21.34
C MET A 193 9.12 -11.51 -21.91
N ALA A 194 8.60 -10.52 -21.19
CA ALA A 194 7.41 -9.80 -21.62
C ALA A 194 7.82 -8.60 -22.48
N GLY A 195 9.12 -8.49 -22.78
CA GLY A 195 9.62 -7.39 -23.59
C GLY A 195 9.81 -6.10 -22.83
N ARG A 196 9.90 -6.18 -21.51
CA ARG A 196 10.06 -4.99 -20.68
C ARG A 196 11.08 -5.28 -19.58
N PRO A 197 12.34 -5.52 -19.95
CA PRO A 197 13.43 -5.82 -19.01
C PRO A 197 13.72 -4.78 -17.93
N GLY A 198 13.43 -3.51 -18.21
CA GLY A 198 13.69 -2.46 -17.23
C GLY A 198 12.58 -2.07 -16.28
N MET A 199 11.52 -2.87 -16.18
CA MET A 199 10.42 -2.54 -15.28
C MET A 199 10.87 -2.48 -13.82
N GLY A 200 10.43 -1.44 -13.13
CA GLY A 200 10.77 -1.31 -11.72
C GLY A 200 9.89 -2.24 -10.90
N VAL A 201 10.37 -2.65 -9.73
CA VAL A 201 9.60 -3.54 -8.86
C VAL A 201 9.50 -2.94 -7.45
N LYS A 202 8.82 -3.67 -6.58
CA LYS A 202 8.65 -3.25 -5.19
C LYS A 202 8.79 -4.50 -4.34
N GLY A 203 9.69 -4.45 -3.36
CA GLY A 203 9.93 -5.57 -2.48
C GLY A 203 11.00 -5.15 -1.48
N PRO A 204 11.75 -6.09 -0.87
CA PRO A 204 11.68 -7.55 -1.04
C PRO A 204 10.52 -8.10 -0.18
N GLU A 205 9.78 -9.06 -0.73
CA GLU A 205 8.63 -9.60 -0.03
C GLU A 205 8.79 -10.93 0.71
N THR A 206 9.48 -11.89 0.11
CA THR A 206 9.66 -13.19 0.72
C THR A 206 10.42 -13.16 2.05
N SER A 207 11.38 -12.24 2.16
CA SER A 207 12.16 -12.09 3.38
C SER A 207 11.35 -11.36 4.45
N LEU A 208 11.53 -11.76 5.71
CA LEU A 208 10.81 -11.15 6.82
C LEU A 208 11.76 -10.56 7.86
N SER A 209 12.94 -11.16 7.99
CA SER A 209 13.93 -10.68 8.96
C SER A 209 14.72 -9.52 8.36
N ALA A 210 15.43 -8.80 9.23
CA ALA A 210 16.24 -7.67 8.79
C ALA A 210 17.36 -8.15 7.87
N GLN A 211 18.04 -9.23 8.25
CA GLN A 211 19.14 -9.75 7.44
C GLN A 211 18.61 -10.20 6.08
N GLY A 212 17.41 -10.77 6.07
CA GLY A 212 16.82 -11.22 4.82
C GLY A 212 16.56 -10.06 3.88
N ASN A 213 15.88 -9.03 4.38
N ASN A 213 15.88 -9.03 4.38
CA ASN A 213 15.57 -7.86 3.57
CA ASN A 213 15.57 -7.84 3.57
C ASN A 213 16.83 -7.14 3.09
C ASN A 213 16.82 -7.13 3.10
N ILE A 214 17.82 -7.03 3.98
CA ILE A 214 19.07 -6.36 3.66
C ILE A 214 19.89 -7.05 2.56
N SER A 215 19.68 -8.35 2.38
CA SER A 215 20.41 -9.11 1.36
C SER A 215 19.80 -8.98 -0.03
N ALA A 216 18.61 -8.42 -0.12
CA ALA A 216 17.89 -8.28 -1.39
C ALA A 216 18.58 -7.46 -2.48
N ASP A 217 19.31 -6.41 -2.12
CA ASP A 217 19.99 -5.61 -3.15
C ASP A 217 21.13 -6.44 -3.72
N CYS A 218 21.07 -6.70 -5.03
CA CYS A 218 22.11 -7.51 -5.67
C CYS A 218 22.04 -7.37 -7.19
N THR A 219 23.12 -7.77 -7.85
CA THR A 219 23.20 -7.71 -9.31
C THR A 219 22.13 -8.58 -9.93
N GLY A 220 21.35 -8.00 -10.83
CA GLY A 220 20.28 -8.74 -11.48
C GLY A 220 19.03 -8.72 -10.63
N GLY A 221 19.18 -8.29 -9.38
CA GLY A 221 18.05 -8.24 -8.47
C GLY A 221 17.59 -6.82 -8.18
N MET A 222 17.22 -6.53 -6.93
CA MET A 222 16.78 -5.20 -6.55
C MET A 222 17.91 -4.19 -6.64
N THR A 223 17.60 -3.00 -7.13
CA THR A 223 18.58 -1.92 -7.27
C THR A 223 17.95 -0.62 -6.79
N CYS A 224 18.70 0.48 -6.86
CA CYS A 224 18.20 1.76 -6.37
C CYS A 224 16.95 2.31 -7.06
N THR A 225 16.67 1.84 -8.28
CA THR A 225 15.49 2.31 -9.01
C THR A 225 14.23 1.50 -8.70
N ASP A 226 14.30 0.64 -7.69
CA ASP A 226 13.14 -0.17 -7.27
C ASP A 226 12.68 0.39 -5.91
N SER A 227 11.40 0.19 -5.58
CA SER A 227 10.89 0.66 -4.29
C SER A 227 11.25 -0.37 -3.22
N HIS A 228 11.89 0.09 -2.14
CA HIS A 228 12.30 -0.79 -1.05
C HIS A 228 11.35 -0.65 0.13
N GLU A 229 10.73 -1.76 0.50
CA GLU A 229 9.74 -1.76 1.57
C GLU A 229 10.22 -1.88 3.00
N VAL A 230 9.54 -1.14 3.86
CA VAL A 230 9.78 -1.17 5.30
C VAL A 230 8.37 -0.94 5.87
N SER A 231 7.97 -1.75 6.83
CA SER A 231 6.63 -1.65 7.40
C SER A 231 6.54 -1.10 8.81
N GLN A 232 5.63 -0.15 9.00
CA GLN A 232 5.40 0.40 10.33
C GLN A 232 4.41 -0.59 10.96
N LEU A 233 4.36 -0.63 12.29
CA LEU A 233 3.45 -1.54 12.97
C LEU A 233 2.14 -0.81 13.36
N ASN A 234 1.23 -1.51 14.02
CA ASN A 234 -0.04 -0.92 14.43
C ASN A 234 -0.13 -0.69 15.93
N GLU A 235 -0.31 0.56 16.39
CA GLU A 235 -0.44 1.76 15.55
C GLU A 235 0.62 2.73 16.10
N LEU A 236 1.24 3.53 15.24
CA LEU A 236 2.30 4.46 15.66
C LEU A 236 3.29 3.65 16.48
N LYS A 237 3.77 2.58 15.86
CA LYS A 237 4.67 1.63 16.50
C LYS A 237 5.71 1.11 15.49
N ILE A 238 6.86 0.67 15.99
CA ILE A 238 7.90 0.15 15.11
C ILE A 238 8.86 -0.75 15.89
N ASP A 239 9.54 -1.65 15.17
CA ASP A 239 10.52 -2.55 15.77
C ASP A 239 11.89 -2.10 15.28
N LEU A 240 12.93 -2.44 16.04
CA LEU A 240 14.28 -2.04 15.67
C LEU A 240 14.80 -2.67 14.38
N ASP A 241 14.23 -3.82 14.02
CA ASP A 241 14.62 -4.49 12.78
C ASP A 241 14.38 -3.54 11.61
N ALA A 242 13.22 -2.88 11.62
CA ALA A 242 12.86 -1.95 10.57
C ALA A 242 13.82 -0.76 10.56
N ILE A 243 14.23 -0.32 11.74
CA ILE A 243 15.15 0.81 11.85
C ILE A 243 16.48 0.51 11.16
N SER A 244 17.00 -0.70 11.34
CA SER A 244 18.26 -1.10 10.72
C SER A 244 18.10 -1.24 9.20
N VAL A 245 16.95 -1.76 8.77
CA VAL A 245 16.70 -1.92 7.35
C VAL A 245 16.69 -0.55 6.68
N ILE A 246 16.07 0.42 7.35
CA ILE A 246 16.00 1.79 6.83
C ILE A 246 17.41 2.34 6.64
N ALA A 247 18.27 2.12 7.62
CA ALA A 247 19.65 2.59 7.55
C ALA A 247 20.34 2.00 6.32
N HIS A 248 20.02 0.74 6.03
CA HIS A 248 20.61 0.06 4.88
C HIS A 248 20.14 0.69 3.57
N TYR A 249 18.83 0.88 3.43
CA TYR A 249 18.27 1.47 2.21
C TYR A 249 18.89 2.84 1.96
N LYS A 250 18.98 3.65 3.00
CA LYS A 250 19.55 4.99 2.90
C LYS A 250 21.03 4.91 2.49
N GLY A 251 21.73 3.94 3.05
CA GLY A 251 23.14 3.76 2.75
C GLY A 251 23.43 3.32 1.33
N ASN A 252 22.42 2.80 0.65
CA ASN A 252 22.56 2.34 -0.74
C ASN A 252 21.86 3.30 -1.73
N SER A 253 21.36 4.43 -1.23
CA SER A 253 20.68 5.40 -2.07
C SER A 253 19.45 4.78 -2.76
N ASP A 254 18.76 3.90 -2.04
CA ASP A 254 17.56 3.22 -2.56
C ASP A 254 16.28 4.04 -2.37
N ILE A 255 15.36 3.90 -3.32
CA ILE A 255 14.07 4.58 -3.20
C ILE A 255 13.39 3.81 -2.07
N ILE A 256 12.90 4.53 -1.07
CA ILE A 256 12.27 3.90 0.09
C ILE A 256 10.75 4.03 0.14
N MET A 257 10.07 2.89 0.29
CA MET A 257 8.64 2.89 0.40
C MET A 257 8.27 2.45 1.82
N ASP A 258 7.78 3.39 2.61
CA ASP A 258 7.37 3.10 3.98
C ASP A 258 5.89 2.72 3.88
N GLU A 259 5.48 1.65 4.54
CA GLU A 259 4.08 1.23 4.49
C GLU A 259 3.47 1.14 5.89
N GLN A 260 2.15 1.24 5.94
CA GLN A 260 1.41 1.11 7.19
C GLN A 260 -0.04 0.84 6.83
N MET A 261 -0.63 -0.14 7.51
CA MET A 261 -2.01 -0.51 7.27
C MET A 261 -2.85 -0.25 8.52
N PRO A 262 -3.38 0.97 8.66
CA PRO A 262 -4.19 1.33 9.82
C PRO A 262 -5.45 0.45 9.87
N ILE A 263 -5.76 -0.08 11.04
CA ILE A 263 -6.90 -0.97 11.20
C ILE A 263 -8.20 -0.29 11.63
N PHE A 264 -9.21 -0.32 10.77
CA PHE A 264 -10.49 0.26 11.10
C PHE A 264 -11.11 -0.64 12.17
N GLY A 265 -11.48 -0.04 13.30
CA GLY A 265 -12.05 -0.82 14.38
C GLY A 265 -10.94 -1.39 15.24
N GLY A 266 -9.72 -0.92 15.00
CA GLY A 266 -8.58 -1.40 15.75
C GLY A 266 -8.34 -0.61 17.02
N TYR A 267 -7.07 -0.43 17.37
CA TYR A 267 -6.71 0.30 18.59
C TYR A 267 -7.12 1.77 18.55
N ALA A 268 -7.23 2.34 17.35
CA ALA A 268 -7.61 3.74 17.22
C ALA A 268 -9.11 3.98 17.37
N GLY A 269 -9.91 3.05 16.89
CA GLY A 269 -11.35 3.20 16.98
C GLY A 269 -12.04 3.18 15.63
N GLY A 270 -12.98 4.10 15.43
CA GLY A 270 -13.74 4.18 14.19
C GLY A 270 -13.09 4.88 13.01
N ILE A 271 -13.93 5.30 12.06
CA ILE A 271 -13.48 5.95 10.84
C ILE A 271 -12.60 7.19 11.04
N GLU A 272 -13.15 8.25 11.64
CA GLU A 272 -12.37 9.46 11.84
C GLU A 272 -11.11 9.19 12.67
N GLU A 273 -11.26 8.35 13.70
CA GLU A 273 -10.12 8.03 14.57
C GLU A 273 -9.00 7.33 13.81
N THR A 274 -9.37 6.33 13.01
CA THR A 274 -8.38 5.59 12.24
C THR A 274 -7.74 6.49 11.17
N THR A 275 -8.52 7.45 10.66
CA THR A 275 -8.00 8.36 9.65
C THR A 275 -6.99 9.32 10.27
N ILE A 276 -7.23 9.71 11.53
CA ILE A 276 -6.30 10.59 12.24
C ILE A 276 -4.96 9.86 12.34
N VAL A 277 -5.03 8.58 12.71
CA VAL A 277 -3.83 7.76 12.83
C VAL A 277 -3.16 7.62 11.46
N ASP A 278 -3.98 7.44 10.43
CA ASP A 278 -3.46 7.29 9.07
C ASP A 278 -2.65 8.52 8.65
N VAL A 279 -3.19 9.71 8.89
CA VAL A 279 -2.48 10.95 8.55
C VAL A 279 -1.17 11.02 9.34
N ALA A 280 -1.24 10.61 10.60
CA ALA A 280 -0.05 10.63 11.46
C ALA A 280 1.03 9.69 10.93
N THR A 281 0.63 8.53 10.40
CA THR A 281 1.61 7.56 9.90
C THR A 281 2.18 7.96 8.53
N HIS A 282 1.42 8.75 7.77
CA HIS A 282 1.90 9.25 6.48
C HIS A 282 3.04 10.21 6.81
N ILE A 283 2.82 11.05 7.82
CA ILE A 283 3.83 12.01 8.25
C ILE A 283 5.03 11.28 8.84
N ASN A 284 4.77 10.28 9.67
CA ASN A 284 5.85 9.52 10.30
C ASN A 284 6.72 8.83 9.25
N ALA A 285 6.13 8.50 8.11
CA ALA A 285 6.86 7.83 7.04
C ALA A 285 8.08 8.62 6.56
N VAL A 286 7.94 9.92 6.39
CA VAL A 286 9.04 10.74 5.91
C VAL A 286 9.95 11.23 7.02
N LEU A 287 9.49 11.04 8.26
CA LEU A 287 10.23 11.46 9.44
C LEU A 287 11.11 10.31 9.94
N MET A 288 10.47 9.24 10.40
CA MET A 288 11.17 8.08 10.92
C MET A 288 11.86 7.22 9.86
N SER A 289 11.20 7.00 8.73
CA SER A 289 11.74 6.14 7.68
C SER A 289 12.45 6.82 6.52
N SER A 290 12.48 8.15 6.49
CA SER A 290 13.11 8.88 5.39
C SER A 290 12.53 8.39 4.07
N ALA A 291 11.26 8.01 4.09
CA ALA A 291 10.58 7.48 2.91
C ALA A 291 10.54 8.41 1.69
N SER A 292 10.61 7.78 0.51
CA SER A 292 10.51 8.50 -0.76
C SER A 292 9.01 8.64 -1.00
N TRP A 293 8.26 7.61 -0.61
CA TRP A 293 6.81 7.60 -0.71
C TRP A 293 6.22 6.66 0.34
N HIS A 294 4.94 6.87 0.67
CA HIS A 294 4.27 6.05 1.69
C HIS A 294 3.10 5.24 1.13
N LEU A 295 3.10 3.96 1.43
CA LEU A 295 2.04 3.05 1.00
C LEU A 295 1.04 2.87 2.14
N ASP A 296 -0.21 3.25 1.89
CA ASP A 296 -1.28 3.13 2.88
C ASP A 296 -1.96 1.77 2.69
N GLY A 297 -3.02 1.52 3.44
CA GLY A 297 -3.73 0.26 3.33
C GLY A 297 -4.70 0.06 4.49
N PRO A 298 -5.68 0.97 4.67
CA PRO A 298 -6.63 0.83 5.77
C PRO A 298 -7.33 -0.52 5.61
N VAL A 299 -7.36 -1.30 6.69
CA VAL A 299 -7.98 -2.61 6.63
C VAL A 299 -9.05 -2.82 7.71
N HIS A 300 -10.15 -3.46 7.32
CA HIS A 300 -11.26 -3.72 8.22
C HIS A 300 -10.87 -4.80 9.23
N ILE A 301 -11.00 -4.49 10.51
CA ILE A 301 -10.62 -5.44 11.54
C ILE A 301 -11.29 -6.80 11.38
N ARG A 302 -12.52 -6.82 10.87
CA ARG A 302 -13.23 -8.07 10.70
C ARG A 302 -13.07 -8.72 9.33
N TRP A 303 -13.31 -7.95 8.28
CA TRP A 303 -13.24 -8.49 6.93
C TRP A 303 -11.83 -8.64 6.36
N GLY A 304 -10.88 -7.88 6.92
CA GLY A 304 -9.51 -7.97 6.45
C GLY A 304 -9.32 -7.49 5.02
N SER A 305 -10.21 -6.60 4.58
CA SER A 305 -10.11 -6.03 3.23
C SER A 305 -9.87 -4.53 3.30
N THR A 306 -9.28 -3.99 2.24
CA THR A 306 -8.98 -2.56 2.16
C THR A 306 -10.07 -1.80 1.40
N ASN A 307 -11.05 -2.53 0.86
CA ASN A 307 -12.10 -1.88 0.09
C ASN A 307 -13.51 -1.90 0.68
N THR A 308 -13.61 -1.92 2.01
CA THR A 308 -14.93 -1.88 2.63
C THR A 308 -15.28 -0.40 2.63
N ARG A 309 -16.55 -0.07 2.83
CA ARG A 309 -16.99 1.30 2.84
C ARG A 309 -16.14 2.18 3.77
N GLU A 310 -15.87 1.68 4.97
CA GLU A 310 -15.10 2.44 5.94
C GLU A 310 -13.62 2.63 5.58
N THR A 311 -12.97 1.57 5.12
CA THR A 311 -11.55 1.66 4.76
C THR A 311 -11.33 2.54 3.52
N LEU A 312 -12.31 2.58 2.64
CA LEU A 312 -12.21 3.42 1.45
C LEU A 312 -12.32 4.88 1.88
N MET A 313 -13.22 5.16 2.83
CA MET A 313 -13.40 6.52 3.34
C MET A 313 -12.12 6.98 4.05
N ILE A 314 -11.52 6.07 4.82
CA ILE A 314 -10.29 6.39 5.54
C ILE A 314 -9.18 6.76 4.56
N ALA A 315 -8.97 5.92 3.55
CA ALA A 315 -7.94 6.17 2.54
C ALA A 315 -8.23 7.46 1.77
N GLY A 316 -9.48 7.63 1.36
CA GLY A 316 -9.88 8.81 0.62
C GLY A 316 -9.60 10.11 1.35
N TRP A 317 -10.01 10.19 2.62
CA TRP A 317 -9.78 11.41 3.38
C TRP A 317 -8.31 11.65 3.71
N ALA A 318 -7.61 10.58 4.07
CA ALA A 318 -6.21 10.68 4.40
C ALA A 318 -5.40 11.18 3.20
N CYS A 319 -5.61 10.58 2.03
CA CYS A 319 -4.88 10.97 0.83
C CYS A 319 -5.24 12.37 0.35
N ALA A 320 -6.54 12.67 0.29
CA ALA A 320 -6.96 13.99 -0.15
C ALA A 320 -6.34 15.06 0.74
N THR A 321 -6.32 14.80 2.04
CA THR A 321 -5.76 15.73 3.02
C THR A 321 -4.24 15.83 2.88
N ILE A 322 -3.58 14.68 2.72
CA ILE A 322 -2.13 14.66 2.57
C ILE A 322 -1.75 15.37 1.27
N SER A 323 -2.54 15.15 0.23
CA SER A 323 -2.29 15.77 -1.07
C SER A 323 -2.52 17.28 -1.02
N GLU A 324 -3.51 17.69 -0.24
CA GLU A 324 -3.83 19.10 -0.11
C GLU A 324 -2.83 19.91 0.69
N PHE A 325 -2.36 19.35 1.80
CA PHE A 325 -1.44 20.08 2.66
C PHE A 325 0.04 19.70 2.69
N THR A 326 0.42 18.72 1.88
CA THR A 326 1.84 18.33 1.83
C THR A 326 2.18 17.89 0.41
N ASP A 327 3.46 17.60 0.19
CA ASP A 327 3.94 17.14 -1.10
C ASP A 327 4.38 15.69 -0.98
N ILE A 328 3.93 15.03 0.10
CA ILE A 328 4.28 13.63 0.34
C ILE A 328 3.68 12.73 -0.74
N LEU A 329 4.53 11.96 -1.41
CA LEU A 329 4.08 11.03 -2.44
C LEU A 329 3.54 9.78 -1.76
N SER A 330 2.45 9.23 -2.27
CA SER A 330 1.87 8.04 -1.65
C SER A 330 1.13 7.09 -2.59
N GLY A 331 0.77 5.94 -2.03
CA GLY A 331 0.04 4.94 -2.78
C GLY A 331 -0.84 4.18 -1.82
N ASN A 332 -1.59 3.21 -2.33
CA ASN A 332 -2.47 2.40 -1.50
C ASN A 332 -2.43 0.97 -2.04
N GLN A 333 -2.54 -0.02 -1.15
CA GLN A 333 -2.50 -1.43 -1.54
C GLN A 333 -3.89 -2.06 -1.55
N TYR A 334 -4.08 -3.02 -2.44
CA TYR A 334 -5.36 -3.67 -2.65
C TYR A 334 -5.56 -5.08 -2.08
N TYR A 335 -6.53 -5.20 -1.17
CA TYR A 335 -6.86 -6.48 -0.55
C TYR A 335 -8.35 -6.77 -0.62
N PRO A 336 -8.83 -7.36 -1.72
CA PRO A 336 -10.25 -7.69 -1.87
C PRO A 336 -10.54 -8.99 -1.12
N CYS A 337 -11.81 -9.22 -0.81
CA CYS A 337 -12.21 -10.45 -0.11
C CYS A 337 -12.29 -11.60 -1.11
N ALA A 338 -12.93 -11.35 -2.25
CA ALA A 338 -13.10 -12.35 -3.30
C ALA A 338 -11.81 -12.72 -4.02
N GLY A 339 -11.78 -13.95 -4.57
CA GLY A 339 -10.60 -14.42 -5.27
C GLY A 339 -10.66 -14.09 -6.75
N PRO A 340 -9.60 -14.43 -7.52
CA PRO A 340 -9.55 -14.15 -8.96
C PRO A 340 -10.62 -14.88 -9.76
N CYS A 341 -10.96 -14.32 -10.92
N CYS A 341 -10.94 -14.30 -10.92
CA CYS A 341 -11.94 -14.93 -11.80
CA CYS A 341 -11.94 -14.83 -11.83
C CYS A 341 -13.37 -14.86 -11.24
C CYS A 341 -13.35 -14.82 -11.27
N THR A 342 -13.64 -13.83 -10.44
CA THR A 342 -14.96 -13.66 -9.86
C THR A 342 -15.29 -12.20 -10.10
N GLU A 343 -16.58 -11.90 -10.27
CA GLU A 343 -16.99 -10.53 -10.51
C GLU A 343 -16.76 -9.66 -9.28
N MET A 344 -17.02 -10.20 -8.10
CA MET A 344 -16.85 -9.43 -6.88
C MET A 344 -15.44 -8.91 -6.71
N CYS A 345 -14.45 -9.78 -6.93
CA CYS A 345 -13.05 -9.38 -6.81
C CYS A 345 -12.77 -8.15 -7.66
N LEU A 346 -13.19 -8.19 -8.92
CA LEU A 346 -12.98 -7.06 -9.83
C LEU A 346 -13.72 -5.80 -9.37
N LEU A 347 -14.94 -5.97 -8.86
CA LEU A 347 -15.71 -4.84 -8.41
C LEU A 347 -15.11 -4.23 -7.14
N GLU A 348 -14.58 -5.10 -6.28
CA GLU A 348 -13.96 -4.65 -5.04
C GLU A 348 -12.72 -3.81 -5.37
N ALA A 349 -11.89 -4.33 -6.27
CA ALA A 349 -10.68 -3.63 -6.66
C ALA A 349 -11.03 -2.33 -7.38
N SER A 350 -12.10 -2.35 -8.17
CA SER A 350 -12.53 -1.17 -8.91
C SER A 350 -12.93 -0.04 -7.97
N ALA A 351 -13.66 -0.38 -6.91
CA ALA A 351 -14.10 0.63 -5.94
C ALA A 351 -12.89 1.32 -5.34
N GLN A 352 -11.86 0.55 -5.01
CA GLN A 352 -10.66 1.14 -4.42
C GLN A 352 -9.89 1.96 -5.45
N SER A 353 -9.83 1.48 -6.69
CA SER A 353 -9.13 2.21 -7.75
C SER A 353 -9.79 3.58 -7.94
N ILE A 354 -11.12 3.60 -7.93
CA ILE A 354 -11.85 4.85 -8.07
C ILE A 354 -11.48 5.78 -6.91
N THR A 355 -11.56 5.24 -5.70
CA THR A 355 -11.26 6.01 -4.50
C THR A 355 -9.83 6.55 -4.51
N ASP A 356 -8.86 5.65 -4.76
CA ASP A 356 -7.46 6.05 -4.76
C ASP A 356 -7.13 7.07 -5.84
N THR A 357 -7.64 6.86 -7.05
CA THR A 357 -7.37 7.77 -8.14
C THR A 357 -7.92 9.17 -7.86
N ALA A 358 -9.20 9.24 -7.52
CA ALA A 358 -9.86 10.51 -7.24
C ALA A 358 -9.31 11.24 -6.01
N SER A 359 -8.86 10.49 -5.00
CA SER A 359 -8.35 11.10 -3.78
C SER A 359 -6.91 11.61 -3.89
N GLY A 360 -6.27 11.34 -5.02
CA GLY A 360 -4.92 11.83 -5.24
C GLY A 360 -3.71 10.92 -5.07
N ARG A 361 -3.91 9.61 -4.99
CA ARG A 361 -2.78 8.69 -4.84
C ARG A 361 -1.90 8.73 -6.08
N GLU A 362 -0.59 8.61 -5.89
CA GLU A 362 0.33 8.61 -7.02
C GLU A 362 0.55 7.20 -7.54
N ILE A 363 0.43 6.22 -6.65
CA ILE A 363 0.65 4.82 -7.02
C ILE A 363 -0.43 3.86 -6.51
N LEU A 364 -0.89 2.97 -7.40
CA LEU A 364 -1.89 1.97 -7.02
C LEU A 364 -1.13 0.64 -7.03
N SER A 365 -1.06 -0.03 -5.88
CA SER A 365 -0.32 -1.28 -5.78
C SER A 365 -1.26 -2.46 -5.47
N GLY A 366 -1.52 -3.28 -6.49
CA GLY A 366 -2.40 -4.43 -6.32
C GLY A 366 -2.18 -5.49 -7.38
N VAL A 367 -2.96 -6.58 -7.34
CA VAL A 367 -4.02 -6.80 -6.36
C VAL A 367 -3.84 -8.08 -5.55
N ALA A 368 -3.90 -7.97 -4.22
CA ALA A 368 -3.76 -9.13 -3.35
C ALA A 368 -5.13 -9.81 -3.22
N SER A 369 -5.58 -10.43 -4.31
CA SER A 369 -6.87 -11.10 -4.34
C SER A 369 -6.97 -12.21 -3.29
N ALA A 370 -8.20 -12.55 -2.92
CA ALA A 370 -8.44 -13.56 -1.90
C ALA A 370 -7.72 -13.16 -0.62
N LYS A 371 -7.70 -11.85 -0.36
CA LYS A 371 -7.06 -11.29 0.83
C LYS A 371 -5.56 -11.55 0.88
N GLY A 372 -5.00 -11.90 -0.28
CA GLY A 372 -3.56 -12.15 -0.38
C GLY A 372 -2.97 -13.25 0.47
N VAL A 373 -3.79 -14.21 0.87
CA VAL A 373 -3.29 -15.31 1.70
C VAL A 373 -3.51 -16.69 1.09
N VAL A 374 -4.03 -16.75 -0.13
CA VAL A 374 -4.28 -18.03 -0.78
C VAL A 374 -3.31 -18.27 -1.93
N THR A 375 -2.51 -19.32 -1.81
CA THR A 375 -1.52 -19.66 -2.82
C THR A 375 -2.00 -19.59 -4.27
N ASP A 376 -1.24 -18.85 -5.07
CA ASP A 376 -1.48 -18.68 -6.50
C ASP A 376 -2.79 -18.00 -6.92
N LYS A 377 -3.50 -17.38 -5.97
CA LYS A 377 -4.75 -16.71 -6.31
C LYS A 377 -4.62 -15.21 -6.58
N THR A 378 -3.81 -14.87 -7.58
CA THR A 378 -3.59 -13.49 -8.00
C THR A 378 -3.16 -13.56 -9.47
N THR A 379 -3.76 -12.72 -10.31
CA THR A 379 -3.37 -12.71 -11.73
C THR A 379 -3.39 -11.28 -12.26
N GLY A 380 -2.75 -11.09 -13.43
CA GLY A 380 -2.69 -9.78 -14.04
C GLY A 380 -4.03 -9.18 -14.40
N MET A 381 -5.05 -10.02 -14.57
CA MET A 381 -6.38 -9.54 -14.93
C MET A 381 -6.91 -8.53 -13.90
N GLU A 382 -6.62 -8.76 -12.63
CA GLU A 382 -7.09 -7.85 -11.59
C GLU A 382 -6.37 -6.51 -11.69
N ALA A 383 -5.09 -6.54 -12.07
CA ALA A 383 -4.33 -5.31 -12.23
C ALA A 383 -4.82 -4.55 -13.46
N ARG A 384 -5.24 -5.29 -14.48
CA ARG A 384 -5.76 -4.65 -15.69
C ARG A 384 -6.98 -3.81 -15.33
N MET A 385 -7.90 -4.40 -14.57
CA MET A 385 -9.11 -3.70 -14.16
C MET A 385 -8.75 -2.48 -13.31
N MET A 386 -7.82 -2.68 -12.37
CA MET A 386 -7.37 -1.60 -11.50
C MET A 386 -6.90 -0.42 -12.36
N GLY A 387 -6.13 -0.73 -13.41
CA GLY A 387 -5.62 0.31 -14.29
C GLY A 387 -6.67 0.98 -15.16
N GLU A 388 -7.52 0.19 -15.82
CA GLU A 388 -8.54 0.79 -16.68
C GLU A 388 -9.49 1.66 -15.88
N VAL A 389 -9.80 1.23 -14.67
CA VAL A 389 -10.69 1.98 -13.80
C VAL A 389 -10.03 3.29 -13.37
N ALA A 390 -8.72 3.25 -13.18
CA ALA A 390 -7.97 4.44 -12.78
C ALA A 390 -8.09 5.49 -13.88
N ARG A 391 -7.91 5.06 -15.13
CA ARG A 391 -8.00 5.99 -16.26
C ARG A 391 -9.42 6.56 -16.35
N ALA A 392 -10.43 5.70 -16.20
CA ALA A 392 -11.81 6.12 -16.27
C ALA A 392 -12.15 7.15 -15.20
N THR A 393 -11.52 7.01 -14.03
CA THR A 393 -11.77 7.91 -12.90
C THR A 393 -11.03 9.24 -12.97
N ALA A 394 -9.83 9.24 -13.54
CA ALA A 394 -9.04 10.46 -13.65
C ALA A 394 -9.82 11.60 -14.30
N GLY A 395 -9.83 12.76 -13.64
CA GLY A 395 -10.51 13.92 -14.18
C GLY A 395 -11.99 14.05 -13.87
N VAL A 396 -12.61 13.01 -13.33
CA VAL A 396 -14.02 13.06 -13.00
C VAL A 396 -14.29 13.93 -11.77
N GLU A 397 -15.37 14.70 -11.81
CA GLU A 397 -15.75 15.57 -10.71
C GLU A 397 -15.90 14.74 -9.43
N ILE A 398 -15.38 15.25 -8.33
CA ILE A 398 -15.46 14.53 -7.05
C ILE A 398 -16.88 14.22 -6.61
N SER A 399 -17.81 15.15 -6.82
CA SER A 399 -19.20 14.91 -6.42
C SER A 399 -19.73 13.66 -7.12
N GLU A 400 -19.39 13.51 -8.40
CA GLU A 400 -19.80 12.35 -9.20
C GLU A 400 -19.18 11.09 -8.63
N VAL A 401 -17.88 11.14 -8.37
CA VAL A 401 -17.15 10.00 -7.83
C VAL A 401 -17.79 9.48 -6.55
N ASN A 402 -18.14 10.38 -5.64
CA ASN A 402 -18.76 9.98 -4.39
C ASN A 402 -20.07 9.24 -4.63
N VAL A 403 -20.84 9.67 -5.63
CA VAL A 403 -22.10 9.03 -5.95
C VAL A 403 -21.85 7.62 -6.49
N ILE A 404 -20.91 7.51 -7.42
CA ILE A 404 -20.56 6.22 -8.02
C ILE A 404 -20.08 5.22 -6.97
N LEU A 405 -19.21 5.68 -6.06
CA LEU A 405 -18.68 4.82 -5.01
C LEU A 405 -19.78 4.28 -4.11
N ASP A 406 -20.68 5.16 -3.69
CA ASP A 406 -21.78 4.73 -2.82
C ASP A 406 -22.56 3.60 -3.49
N LYS A 407 -22.88 3.78 -4.76
CA LYS A 407 -23.62 2.77 -5.52
C LYS A 407 -22.82 1.48 -5.72
N LEU A 408 -21.54 1.62 -6.09
CA LEU A 408 -20.69 0.47 -6.34
C LEU A 408 -20.46 -0.36 -5.08
N VAL A 409 -20.05 0.29 -4.00
CA VAL A 409 -19.79 -0.45 -2.76
C VAL A 409 -21.06 -1.19 -2.30
N SER A 410 -22.22 -0.61 -2.57
CA SER A 410 -23.49 -1.22 -2.19
C SER A 410 -23.68 -2.55 -2.90
N LEU A 411 -23.08 -2.68 -4.08
CA LEU A 411 -23.22 -3.91 -4.86
C LEU A 411 -22.56 -5.13 -4.25
N TYR A 412 -21.65 -4.95 -3.29
CA TYR A 412 -20.97 -6.09 -2.70
C TYR A 412 -20.78 -6.07 -1.19
N GLU A 413 -21.00 -4.92 -0.55
CA GLU A 413 -20.79 -4.82 0.89
C GLU A 413 -21.67 -5.70 1.76
N LYS A 414 -22.67 -6.36 1.15
CA LYS A 414 -23.56 -7.24 1.91
C LYS A 414 -23.12 -8.69 1.76
N ASN A 415 -22.05 -8.92 1.01
CA ASN A 415 -21.58 -10.27 0.76
C ASN A 415 -20.16 -10.58 1.21
N TYR A 416 -19.64 -9.84 2.17
CA TYR A 416 -18.28 -10.09 2.64
C TYR A 416 -18.11 -11.51 3.17
N ALA A 417 -19.04 -11.95 4.01
CA ALA A 417 -18.97 -13.29 4.59
C ALA A 417 -19.09 -14.40 3.55
N SER A 418 -19.72 -14.10 2.42
CA SER A 418 -19.90 -15.10 1.38
C SER A 418 -19.12 -14.79 0.10
N ALA A 419 -18.06 -14.00 0.22
CA ALA A 419 -17.24 -13.64 -0.95
C ALA A 419 -16.75 -14.91 -1.63
N PRO A 420 -16.89 -15.00 -2.96
CA PRO A 420 -16.45 -16.18 -3.72
C PRO A 420 -14.95 -16.43 -3.60
N ALA A 421 -14.58 -17.69 -3.37
CA ALA A 421 -13.18 -18.09 -3.23
C ALA A 421 -12.33 -17.77 -4.46
N GLY A 422 -12.94 -17.89 -5.64
CA GLY A 422 -12.20 -17.61 -6.84
C GLY A 422 -11.30 -18.75 -7.25
N LYS A 423 -10.48 -18.53 -8.27
CA LYS A 423 -9.59 -19.56 -8.78
C LYS A 423 -8.12 -19.16 -8.78
N THR A 424 -7.24 -20.15 -8.91
CA THR A 424 -5.82 -19.89 -8.96
C THR A 424 -5.42 -19.49 -10.37
N PHE A 425 -4.21 -18.98 -10.50
CA PHE A 425 -3.66 -18.57 -11.78
C PHE A 425 -3.75 -19.73 -12.78
N GLN A 426 -3.39 -20.92 -12.31
CA GLN A 426 -3.40 -22.11 -13.14
C GLN A 426 -4.80 -22.46 -13.65
N GLU A 427 -5.83 -22.08 -12.90
CA GLU A 427 -7.21 -22.38 -13.26
C GLU A 427 -7.87 -21.41 -14.23
N CYS A 428 -7.51 -20.13 -14.16
N CYS A 428 -7.51 -20.13 -14.16
CA CYS A 428 -8.10 -19.13 -15.03
CA CYS A 428 -8.12 -19.16 -15.06
C CYS A 428 -7.16 -18.54 -16.08
C CYS A 428 -7.17 -18.55 -16.08
N TYR A 429 -6.03 -19.21 -16.28
CA TYR A 429 -5.05 -18.78 -17.27
C TYR A 429 -4.45 -20.01 -17.94
N ASP A 430 -4.00 -19.84 -19.18
CA ASP A 430 -3.32 -20.90 -19.88
C ASP A 430 -1.89 -20.61 -19.42
N VAL A 431 -1.39 -21.41 -18.49
CA VAL A 431 -0.04 -21.19 -17.94
C VAL A 431 1.09 -21.11 -18.97
N LYS A 432 1.04 -21.96 -19.99
CA LYS A 432 2.09 -21.98 -21.02
C LYS A 432 2.26 -20.69 -21.81
N THR A 433 1.15 -20.09 -22.24
CA THR A 433 1.22 -18.84 -23.00
C THR A 433 0.91 -17.64 -22.12
N VAL A 434 0.62 -17.90 -20.84
CA VAL A 434 0.29 -16.84 -19.89
C VAL A 434 -0.83 -15.95 -20.43
N THR A 435 -1.95 -16.58 -20.77
CA THR A 435 -3.10 -15.87 -21.31
C THR A 435 -4.37 -16.25 -20.51
N PRO A 436 -5.22 -15.27 -20.19
CA PRO A 436 -6.44 -15.58 -19.44
C PRO A 436 -7.40 -16.43 -20.26
N THR A 437 -8.20 -17.25 -19.58
CA THR A 437 -9.17 -18.11 -20.26
C THR A 437 -10.38 -17.29 -20.67
N GLU A 438 -11.19 -17.84 -21.57
CA GLU A 438 -12.39 -17.15 -22.03
C GLU A 438 -13.30 -16.94 -20.82
N GLU A 439 -13.24 -17.86 -19.87
CA GLU A 439 -14.04 -17.76 -18.66
C GLU A 439 -13.75 -16.44 -17.95
N TYR A 440 -12.47 -16.16 -17.71
CA TYR A 440 -12.09 -14.93 -17.02
C TYR A 440 -12.46 -13.71 -17.85
N MET A 441 -12.22 -13.79 -19.15
CA MET A 441 -12.55 -12.66 -20.04
C MET A 441 -14.03 -12.33 -19.99
N GLN A 442 -14.87 -13.35 -19.84
CA GLN A 442 -16.31 -13.12 -19.77
C GLN A 442 -16.68 -12.52 -18.43
N VAL A 443 -16.03 -12.98 -17.36
CA VAL A 443 -16.29 -12.44 -16.03
C VAL A 443 -15.88 -10.97 -16.02
N TYR A 444 -14.75 -10.67 -16.64
CA TYR A 444 -14.23 -9.31 -16.73
C TYR A 444 -15.25 -8.39 -17.41
N ASP A 445 -15.76 -8.83 -18.56
CA ASP A 445 -16.74 -8.03 -19.29
C ASP A 445 -17.98 -7.74 -18.46
N GLY A 446 -18.43 -8.73 -17.70
CA GLY A 446 -19.60 -8.55 -16.86
C GLY A 446 -19.40 -7.47 -15.82
N ALA A 447 -18.22 -7.46 -15.21
CA ALA A 447 -17.90 -6.46 -14.18
C ALA A 447 -17.80 -5.08 -14.81
N ARG A 448 -17.13 -5.01 -15.96
CA ARG A 448 -16.94 -3.76 -16.69
C ARG A 448 -18.28 -3.13 -17.03
N LYS A 449 -19.23 -3.96 -17.49
CA LYS A 449 -20.55 -3.48 -17.86
C LYS A 449 -21.26 -2.82 -16.68
N LYS A 450 -21.19 -3.45 -15.51
CA LYS A 450 -21.84 -2.89 -14.33
C LYS A 450 -21.21 -1.55 -13.96
N LEU A 451 -19.90 -1.43 -14.16
CA LEU A 451 -19.22 -0.18 -13.85
C LEU A 451 -19.69 0.90 -14.81
N GLU A 452 -19.86 0.53 -16.08
CA GLU A 452 -20.32 1.49 -17.08
C GLU A 452 -21.75 1.92 -16.76
N ASP A 453 -22.57 0.98 -16.32
CA ASP A 453 -23.95 1.29 -15.97
C ASP A 453 -24.01 2.27 -14.80
N LEU A 454 -22.95 2.32 -14.00
CA LEU A 454 -22.89 3.23 -12.86
C LEU A 454 -22.44 4.63 -13.28
N GLY A 455 -21.94 4.75 -14.51
CA GLY A 455 -21.49 6.04 -14.99
C GLY A 455 -20.03 6.16 -15.37
N LEU A 456 -19.24 5.11 -15.15
CA LEU A 456 -17.83 5.15 -15.51
C LEU A 456 -17.67 5.06 -17.02
N VAL A 457 -16.80 5.89 -17.57
CA VAL A 457 -16.54 5.89 -19.00
C VAL A 457 -15.09 5.47 -19.24
N PHE A 458 -14.92 4.28 -19.82
CA PHE A 458 -13.60 3.72 -20.10
C PHE A 458 -12.96 4.27 -21.37
C1 BG5 B . 2.88 -3.65 -1.56
C2 BG5 B . 2.35 -4.38 -0.33
C3 BG5 B . 2.34 -5.88 -0.56
C4 BG5 B . 3.58 -6.43 0.14
C5 BG5 B . 3.93 -5.44 1.25
C6 BG5 B . 1.12 -6.35 0.03
N1 BG5 B . 3.20 -4.15 0.92
O1 BG5 B . 2.08 -3.27 -2.42
N2 BG5 B . 5.33 -5.18 1.25
O2 BG5 B . 6.03 -4.17 0.48
#